data_8JBS
#
_entry.id   8JBS
#
_cell.length_a   125.218
_cell.length_b   125.218
_cell.length_c   73.088
_cell.angle_alpha   90.00
_cell.angle_beta   90.00
_cell.angle_gamma   120.00
#
_symmetry.space_group_name_H-M   'P 31 2 1'
#
loop_
_entity.id
_entity.type
_entity.pdbx_description
1 polymer 'Putative cobalamin binding protein'
2 non-polymer COBALAMIN
3 non-polymer "5'-DEOXYADENOSINE"
4 water water
#
_entity_poly.entity_id   1
_entity_poly.type   'polypeptide(L)'
_entity_poly.pdbx_seq_one_letter_code
;MPRSKHTIQPVTTAQQTYSTAEVARMWAVSESSVKRWSDSGALSCIRTPGGHRRFTLQALLDFQRAGGVLRHGGQPGSGA
VSVVSDGAAAVTASLDQALVARDWAALQARYYEAAVAGDELAGVALLERAYRSGIPVVALKEHVLTPVLHLIGERWRRGE
LNIWEEHLASQVTLAATEHLHRQLPRAPFNGRLALCGCPEGDLHEIALHLVMEVLEVEGWRVLSLGPNTPLFSFADAVRR
FSPQLVCISATIVHDLERLRRDYGDFYHTVRQHGARIVIGGAAFADPQVREIFIHDYQAAGLTDFLDYLRREFPTPAVAT
GHHHHHH
;
_entity_poly.pdbx_strand_id   A,B
#
loop_
_chem_comp.id
_chem_comp.type
_chem_comp.name
_chem_comp.formula
5AD non-polymer 5'-DEOXYADENOSINE 'C10 H13 N5 O3'
B12 non-polymer COBALAMIN 'C62 H89 Co N13 O14 P 2'
#
# COMPACT_ATOMS: atom_id res chain seq x y z
N VAL A 91 -26.99 16.90 -13.19
CA VAL A 91 -27.21 17.72 -11.96
C VAL A 91 -25.86 18.28 -11.48
N THR A 92 -24.76 17.54 -11.70
CA THR A 92 -23.45 17.86 -11.12
C THR A 92 -22.47 18.38 -12.17
N ALA A 93 -22.74 19.59 -12.66
CA ALA A 93 -21.73 20.41 -13.33
C ALA A 93 -21.27 21.51 -12.37
N SER A 94 -21.76 21.49 -11.12
CA SER A 94 -21.33 22.38 -10.06
C SER A 94 -19.97 21.97 -9.53
N LEU A 95 -19.64 20.69 -9.71
CA LEU A 95 -18.26 20.22 -9.65
C LEU A 95 -17.40 21.12 -10.54
N ASP A 96 -17.81 21.24 -11.82
CA ASP A 96 -17.01 21.90 -12.86
C ASP A 96 -16.83 23.39 -12.58
N GLN A 97 -17.70 23.95 -11.73
CA GLN A 97 -17.58 25.35 -11.33
C GLN A 97 -16.60 25.50 -10.17
N ALA A 98 -16.46 24.44 -9.37
CA ALA A 98 -15.45 24.38 -8.33
C ALA A 98 -14.05 24.32 -8.95
N LEU A 99 -13.91 23.53 -10.02
CA LEU A 99 -12.66 23.37 -10.74
C LEU A 99 -12.19 24.72 -11.31
N VAL A 100 -13.10 25.43 -11.99
CA VAL A 100 -12.77 26.66 -12.69
C VAL A 100 -12.37 27.75 -11.70
N ALA A 101 -13.06 27.84 -10.56
CA ALA A 101 -12.80 28.87 -9.57
C ALA A 101 -11.54 28.53 -8.75
N ARG A 102 -11.06 27.27 -8.84
CA ARG A 102 -10.00 26.75 -8.00
C ARG A 102 -10.46 26.83 -6.54
N ASP A 103 -11.71 26.38 -6.28
CA ASP A 103 -12.29 26.38 -4.94
C ASP A 103 -11.88 25.12 -4.19
N TRP A 104 -10.77 25.25 -3.47
CA TRP A 104 -10.11 24.10 -2.87
C TRP A 104 -11.08 23.41 -1.93
N ALA A 105 -11.83 24.22 -1.16
CA ALA A 105 -12.76 23.72 -0.15
C ALA A 105 -13.80 22.75 -0.70
N ALA A 106 -14.31 23.02 -1.91
CA ALA A 106 -15.42 22.22 -2.40
C ALA A 106 -14.86 20.91 -2.93
N LEU A 107 -13.65 21.01 -3.49
CA LEU A 107 -12.92 19.86 -4.00
C LEU A 107 -12.56 18.92 -2.85
N GLN A 108 -12.05 19.53 -1.77
CA GLN A 108 -11.74 18.82 -0.54
C GLN A 108 -12.98 18.09 -0.06
N ALA A 109 -14.11 18.84 0.03
CA ALA A 109 -15.38 18.30 0.53
C ALA A 109 -15.81 17.09 -0.28
N ARG A 110 -15.70 17.16 -1.61
CA ARG A 110 -16.16 16.08 -2.46
C ARG A 110 -15.18 14.91 -2.38
N TYR A 111 -13.86 15.19 -2.35
CA TYR A 111 -12.88 14.12 -2.24
C TYR A 111 -13.10 13.39 -0.92
N TYR A 112 -13.28 14.19 0.15
CA TYR A 112 -13.61 13.66 1.47
C TYR A 112 -14.77 12.67 1.37
N GLU A 113 -15.89 13.08 0.76
CA GLU A 113 -17.12 12.28 0.74
C GLU A 113 -16.85 10.95 0.05
N ALA A 114 -16.01 10.97 -0.98
CA ALA A 114 -15.63 9.76 -1.70
C ALA A 114 -14.73 8.87 -0.84
N ALA A 115 -13.71 9.49 -0.22
CA ALA A 115 -12.70 8.75 0.52
C ALA A 115 -13.34 8.03 1.72
N VAL A 116 -14.03 8.77 2.58
CA VAL A 116 -14.58 8.18 3.79
C VAL A 116 -15.67 7.16 3.43
N ALA A 117 -16.11 7.11 2.17
CA ALA A 117 -17.15 6.18 1.80
C ALA A 117 -16.56 4.94 1.11
N GLY A 118 -15.25 4.98 0.84
CA GLY A 118 -14.56 3.84 0.26
C GLY A 118 -14.75 3.81 -1.25
N ASP A 119 -15.02 5.00 -1.83
CA ASP A 119 -15.43 5.09 -3.22
C ASP A 119 -14.22 5.45 -4.08
N GLU A 120 -13.46 4.40 -4.42
CA GLU A 120 -12.24 4.51 -5.20
C GLU A 120 -12.53 5.26 -6.51
N LEU A 121 -13.61 4.88 -7.21
CA LEU A 121 -13.88 5.39 -8.56
C LEU A 121 -14.29 6.86 -8.47
N ALA A 122 -15.21 7.20 -7.56
CA ALA A 122 -15.60 8.59 -7.36
C ALA A 122 -14.37 9.43 -7.05
N GLY A 123 -13.44 8.83 -6.28
CA GLY A 123 -12.21 9.48 -5.88
C GLY A 123 -11.29 9.75 -7.06
N VAL A 124 -10.99 8.72 -7.85
CA VAL A 124 -10.14 8.89 -9.02
C VAL A 124 -10.80 9.85 -10.00
N ALA A 125 -12.11 9.68 -10.25
CA ALA A 125 -12.84 10.54 -11.19
C ALA A 125 -12.59 12.00 -10.83
N LEU A 126 -12.80 12.36 -9.55
CA LEU A 126 -12.65 13.74 -9.14
C LEU A 126 -11.25 14.20 -9.50
N LEU A 127 -10.22 13.39 -9.20
CA LEU A 127 -8.83 13.76 -9.50
C LEU A 127 -8.61 13.85 -11.00
N GLU A 128 -8.95 12.78 -11.75
CA GLU A 128 -8.81 12.72 -13.20
C GLU A 128 -9.35 14.01 -13.82
N ARG A 129 -10.60 14.36 -13.47
CA ARG A 129 -11.29 15.49 -14.07
C ARG A 129 -10.57 16.81 -13.77
N ALA A 130 -10.08 16.98 -12.53
CA ALA A 130 -9.36 18.20 -12.17
C ALA A 130 -8.01 18.33 -12.89
N TYR A 131 -7.40 17.22 -13.33
CA TYR A 131 -6.13 17.27 -14.05
C TYR A 131 -6.40 17.81 -15.46
N ARG A 132 -7.37 17.19 -16.14
CA ARG A 132 -7.75 17.52 -17.51
C ARG A 132 -8.41 18.88 -17.60
N SER A 133 -8.74 19.43 -16.42
CA SER A 133 -9.26 20.81 -16.35
C SER A 133 -8.04 21.73 -16.24
N GLY A 134 -6.85 21.15 -16.20
CA GLY A 134 -5.61 21.91 -16.13
C GLY A 134 -5.09 22.17 -14.72
N ILE A 135 -5.64 21.54 -13.67
CA ILE A 135 -5.02 21.67 -12.35
C ILE A 135 -3.85 20.70 -12.28
N PRO A 136 -2.65 21.18 -11.91
CA PRO A 136 -1.47 20.31 -11.81
C PRO A 136 -1.55 19.30 -10.63
N VAL A 137 -0.96 18.12 -10.85
CA VAL A 137 -1.04 17.03 -9.88
C VAL A 137 -0.51 17.49 -8.52
N VAL A 138 0.62 18.18 -8.52
CA VAL A 138 1.21 18.66 -7.28
C VAL A 138 0.21 19.52 -6.50
N ALA A 139 -0.59 20.33 -7.18
CA ALA A 139 -1.52 21.22 -6.49
C ALA A 139 -2.74 20.45 -6.00
N LEU A 140 -3.19 19.46 -6.76
CA LEU A 140 -4.16 18.51 -6.25
C LEU A 140 -3.66 17.93 -4.94
N LYS A 141 -2.39 17.47 -4.94
CA LYS A 141 -1.78 16.79 -3.82
C LYS A 141 -1.65 17.70 -2.59
N GLU A 142 -1.23 18.95 -2.81
CA GLU A 142 -0.97 19.87 -1.72
C GLU A 142 -2.25 20.53 -1.22
N HIS A 143 -3.27 20.65 -2.08
CA HIS A 143 -4.40 21.52 -1.76
C HIS A 143 -5.74 20.79 -1.81
N VAL A 144 -5.78 19.49 -2.16
CA VAL A 144 -6.98 18.67 -1.99
C VAL A 144 -6.64 17.50 -1.04
N LEU A 145 -5.69 16.66 -1.44
CA LEU A 145 -5.45 15.40 -0.73
C LEU A 145 -4.89 15.66 0.66
N THR A 146 -3.85 16.47 0.77
CA THR A 146 -3.20 16.67 2.05
C THR A 146 -4.18 17.32 3.05
N PRO A 147 -4.80 18.48 2.76
CA PRO A 147 -5.79 19.05 3.70
C PRO A 147 -6.89 18.11 4.16
N VAL A 148 -7.39 17.28 3.24
CA VAL A 148 -8.46 16.34 3.55
C VAL A 148 -7.98 15.35 4.61
N LEU A 149 -6.78 14.82 4.41
CA LEU A 149 -6.27 13.81 5.31
C LEU A 149 -5.96 14.43 6.68
N HIS A 150 -5.48 15.67 6.68
CA HIS A 150 -5.23 16.36 7.93
C HIS A 150 -6.56 16.44 8.66
N LEU A 151 -7.63 16.79 7.95
CA LEU A 151 -8.91 17.03 8.58
C LEU A 151 -9.49 15.70 9.10
N ILE A 152 -9.41 14.64 8.27
CA ILE A 152 -9.77 13.32 8.73
C ILE A 152 -9.13 13.03 10.10
N GLY A 153 -7.85 13.35 10.25
CA GLY A 153 -7.17 13.12 11.52
C GLY A 153 -7.68 14.05 12.62
N GLU A 154 -7.91 15.34 12.32
CA GLU A 154 -8.41 16.27 13.32
C GLU A 154 -9.77 15.77 13.80
N ARG A 155 -10.62 15.32 12.87
CA ARG A 155 -11.96 14.85 13.21
C ARG A 155 -11.89 13.56 14.04
N TRP A 156 -11.02 12.62 13.61
CA TRP A 156 -10.92 11.35 14.30
C TRP A 156 -10.55 11.60 15.76
N ARG A 157 -9.70 12.61 15.99
CA ARG A 157 -9.20 12.90 17.32
C ARG A 157 -10.31 13.49 18.21
N ARG A 158 -11.21 14.28 17.60
CA ARG A 158 -12.25 15.00 18.30
C ARG A 158 -13.47 14.08 18.48
N GLY A 159 -13.42 12.86 17.95
CA GLY A 159 -14.54 11.93 18.09
C GLY A 159 -15.62 12.13 17.02
N GLU A 160 -15.43 13.04 16.07
CA GLU A 160 -16.38 13.25 14.99
C GLU A 160 -16.23 12.24 13.85
N LEU A 161 -15.21 11.39 13.90
CA LEU A 161 -14.92 10.50 12.77
C LEU A 161 -14.24 9.27 13.35
N ASN A 162 -14.46 8.13 12.72
CA ASN A 162 -13.99 6.86 13.25
C ASN A 162 -12.95 6.16 12.38
N ILE A 163 -12.30 5.17 12.99
CA ILE A 163 -11.20 4.45 12.39
C ILE A 163 -11.61 3.93 11.03
N TRP A 164 -12.84 3.41 10.91
CA TRP A 164 -13.17 2.67 9.69
C TRP A 164 -13.22 3.65 8.53
N GLU A 165 -13.48 4.91 8.83
CA GLU A 165 -13.64 5.90 7.79
C GLU A 165 -12.27 6.39 7.30
N GLU A 166 -11.32 6.47 8.22
CA GLU A 166 -9.96 6.85 7.87
C GLU A 166 -9.34 5.73 7.03
N HIS A 167 -9.48 4.48 7.50
CA HIS A 167 -8.95 3.31 6.83
C HIS A 167 -9.41 3.23 5.38
N LEU A 168 -10.68 3.57 5.10
CA LEU A 168 -11.18 3.53 3.73
C LEU A 168 -10.55 4.67 2.93
N ALA A 169 -10.51 5.86 3.54
CA ALA A 169 -9.91 7.03 2.93
C ALA A 169 -8.45 6.76 2.57
N SER A 170 -7.72 6.15 3.50
CA SER A 170 -6.34 5.76 3.27
C SER A 170 -6.24 4.82 2.06
N GLN A 171 -7.03 3.74 2.02
CA GLN A 171 -6.96 2.82 0.87
C GLN A 171 -7.36 3.51 -0.42
N VAL A 172 -8.45 4.30 -0.40
CA VAL A 172 -8.88 5.03 -1.58
C VAL A 172 -7.74 5.91 -2.09
N THR A 173 -7.10 6.67 -1.20
CA THR A 173 -6.12 7.66 -1.61
C THR A 173 -4.88 6.98 -2.20
N LEU A 174 -4.44 5.86 -1.64
CA LEU A 174 -3.27 5.17 -2.16
C LEU A 174 -3.58 4.63 -3.56
N ALA A 175 -4.82 4.16 -3.75
CA ALA A 175 -5.19 3.51 -4.99
C ALA A 175 -5.40 4.57 -6.07
N ALA A 176 -5.98 5.72 -5.67
CA ALA A 176 -6.40 6.78 -6.60
C ALA A 176 -5.22 7.60 -7.12
N THR A 177 -4.24 7.80 -6.26
CA THR A 177 -3.02 8.51 -6.60
C THR A 177 -2.22 7.71 -7.64
N GLU A 178 -2.15 6.38 -7.45
CA GLU A 178 -1.41 5.50 -8.33
C GLU A 178 -2.15 5.44 -9.68
N HIS A 179 -3.46 5.17 -9.62
CA HIS A 179 -4.35 5.16 -10.77
C HIS A 179 -4.11 6.36 -11.68
N LEU A 180 -4.02 7.57 -11.09
CA LEU A 180 -3.76 8.78 -11.84
C LEU A 180 -2.32 8.84 -12.36
N HIS A 181 -1.36 8.42 -11.51
CA HIS A 181 0.05 8.56 -11.82
C HIS A 181 0.45 7.70 -13.01
N ARG A 182 -0.14 6.50 -13.14
CA ARG A 182 0.22 5.60 -14.24
C ARG A 182 -0.14 6.24 -15.59
N GLN A 183 -0.99 7.29 -15.56
CA GLN A 183 -1.48 7.97 -16.74
C GLN A 183 -0.64 9.17 -17.09
N LEU A 184 0.19 9.68 -16.18
CA LEU A 184 0.85 10.95 -16.41
C LEU A 184 2.07 10.80 -17.30
N PRO A 185 2.34 11.80 -18.18
CA PRO A 185 3.63 11.86 -18.88
C PRO A 185 4.78 12.13 -17.92
N ARG A 186 6.00 11.73 -18.32
CA ARG A 186 7.19 11.76 -17.49
C ARG A 186 8.38 12.28 -18.29
N ALA A 187 9.17 13.11 -17.66
CA ALA A 187 10.47 13.48 -18.17
C ALA A 187 11.22 12.21 -18.58
N PRO A 188 12.13 12.28 -19.57
CA PRO A 188 13.08 11.21 -19.81
C PRO A 188 13.89 10.81 -18.58
N PHE A 189 14.27 9.54 -18.55
CA PHE A 189 15.06 8.98 -17.48
C PHE A 189 16.30 9.86 -17.33
N ASN A 190 16.57 10.34 -16.11
CA ASN A 190 17.63 11.30 -15.86
C ASN A 190 18.90 10.60 -15.38
N GLY A 191 18.89 9.27 -15.40
CA GLY A 191 20.06 8.50 -15.04
C GLY A 191 20.23 8.33 -13.54
N ARG A 192 19.28 8.82 -12.72
CA ARG A 192 19.47 8.96 -11.29
C ARG A 192 18.52 8.05 -10.52
N LEU A 193 18.94 7.73 -9.29
CA LEU A 193 18.22 6.79 -8.45
C LEU A 193 17.91 7.41 -7.09
N ALA A 194 16.62 7.43 -6.73
CA ALA A 194 16.17 7.85 -5.40
C ALA A 194 15.74 6.63 -4.58
N LEU A 195 16.20 6.62 -3.31
CA LEU A 195 15.88 5.61 -2.32
C LEU A 195 15.07 6.28 -1.23
N CYS A 196 13.89 5.71 -0.97
CA CYS A 196 12.84 6.34 -0.19
C CYS A 196 12.19 5.35 0.78
N GLY A 197 11.85 5.88 1.95
CA GLY A 197 11.05 5.14 2.91
C GLY A 197 10.70 6.00 4.11
N CYS A 198 9.99 5.37 5.09
CA CYS A 198 9.71 6.00 6.36
C CYS A 198 10.44 5.26 7.48
N PRO A 199 10.77 5.97 8.59
CA PRO A 199 11.53 5.39 9.69
C PRO A 199 10.76 4.29 10.38
N GLU A 200 11.53 3.48 11.11
CA GLU A 200 11.05 2.33 11.87
C GLU A 200 9.95 2.77 12.81
N GLY A 201 8.88 1.96 12.87
CA GLY A 201 7.79 2.19 13.79
C GLY A 201 6.77 3.22 13.28
N ASP A 202 7.03 3.87 12.14
CA ASP A 202 6.08 4.79 11.55
C ASP A 202 5.38 4.09 10.40
N LEU A 203 4.05 4.17 10.35
CA LEU A 203 3.24 3.39 9.44
C LEU A 203 2.60 4.29 8.36
N HIS A 204 2.70 5.61 8.55
CA HIS A 204 2.10 6.59 7.67
C HIS A 204 2.97 6.72 6.42
N GLU A 205 2.40 6.39 5.25
CA GLU A 205 3.17 6.23 4.02
C GLU A 205 2.53 6.90 2.80
N ILE A 206 1.38 7.59 2.94
CA ILE A 206 0.76 8.23 1.79
C ILE A 206 1.65 9.38 1.32
N ALA A 207 2.16 10.22 2.24
CA ALA A 207 3.07 11.27 1.80
C ALA A 207 4.25 10.67 1.04
N LEU A 208 4.77 9.54 1.50
CA LEU A 208 5.91 8.94 0.84
C LEU A 208 5.55 8.67 -0.63
N HIS A 209 4.35 8.12 -0.83
CA HIS A 209 3.82 7.80 -2.15
C HIS A 209 3.72 9.05 -3.01
N LEU A 210 3.20 10.16 -2.44
CA LEU A 210 3.10 11.40 -3.19
C LEU A 210 4.51 11.81 -3.64
N VAL A 211 5.49 11.62 -2.76
CA VAL A 211 6.86 12.03 -3.05
C VAL A 211 7.46 11.17 -4.15
N MET A 212 7.31 9.86 -4.05
CA MET A 212 7.96 8.98 -5.01
C MET A 212 7.40 9.24 -6.40
N GLU A 213 6.10 9.54 -6.47
CA GLU A 213 5.39 9.82 -7.72
C GLU A 213 5.98 11.05 -8.40
N VAL A 214 6.12 12.12 -7.62
CA VAL A 214 6.73 13.35 -8.12
C VAL A 214 8.09 13.00 -8.74
N LEU A 215 8.89 12.19 -8.03
CA LEU A 215 10.24 11.86 -8.46
C LEU A 215 10.21 11.15 -9.81
N GLU A 216 9.26 10.21 -9.95
CA GLU A 216 9.14 9.48 -11.19
C GLU A 216 8.77 10.44 -12.32
N VAL A 217 7.83 11.36 -12.05
CA VAL A 217 7.40 12.29 -13.06
C VAL A 217 8.62 13.09 -13.55
N GLU A 218 9.54 13.45 -12.64
CA GLU A 218 10.79 14.12 -13.02
C GLU A 218 11.84 13.17 -13.59
N GLY A 219 11.49 11.91 -13.85
CA GLY A 219 12.38 11.02 -14.59
C GLY A 219 13.44 10.33 -13.73
N TRP A 220 13.16 10.20 -12.42
CA TRP A 220 14.03 9.46 -11.51
C TRP A 220 13.63 8.00 -11.51
N ARG A 221 14.60 7.11 -11.25
CA ARG A 221 14.25 5.75 -10.89
C ARG A 221 14.08 5.79 -9.37
N VAL A 222 13.04 5.12 -8.85
CA VAL A 222 12.77 5.14 -7.41
C VAL A 222 12.85 3.73 -6.84
N LEU A 223 13.55 3.58 -5.71
CA LEU A 223 13.53 2.35 -4.92
C LEU A 223 12.79 2.67 -3.62
N SER A 224 11.63 2.02 -3.45
CA SER A 224 10.83 2.15 -2.25
C SER A 224 11.20 1.07 -1.23
N LEU A 225 11.68 1.51 -0.07
CA LEU A 225 11.73 0.68 1.11
C LEU A 225 10.41 0.70 1.88
N GLY A 226 9.56 1.67 1.55
CA GLY A 226 8.24 1.73 2.15
C GLY A 226 8.39 2.25 3.57
N PRO A 227 7.33 2.11 4.39
CA PRO A 227 7.34 2.63 5.77
C PRO A 227 8.03 1.64 6.70
N ASN A 228 8.27 2.09 7.94
CA ASN A 228 8.74 1.22 9.03
C ASN A 228 10.11 0.63 8.64
N THR A 229 11.02 1.51 8.23
CA THR A 229 12.32 1.08 7.75
C THR A 229 13.40 1.57 8.71
N PRO A 230 14.19 0.66 9.33
CA PRO A 230 15.29 1.07 10.20
C PRO A 230 16.35 1.79 9.40
N LEU A 231 17.09 2.71 10.03
CA LEU A 231 18.17 3.43 9.33
C LEU A 231 19.27 2.50 8.80
N PHE A 232 19.59 1.44 9.55
CA PHE A 232 20.58 0.49 9.08
C PHE A 232 20.10 -0.14 7.78
N SER A 233 18.78 -0.15 7.56
CA SER A 233 18.24 -0.81 6.38
C SER A 233 18.39 0.15 5.21
N PHE A 234 18.20 1.43 5.51
CA PHE A 234 18.54 2.50 4.58
C PHE A 234 20.01 2.39 4.17
N ALA A 235 20.91 2.35 5.17
CA ALA A 235 22.35 2.25 4.93
C ALA A 235 22.68 1.00 4.10
N ASP A 236 22.10 -0.14 4.41
CA ASP A 236 22.39 -1.32 3.61
C ASP A 236 22.07 -1.07 2.15
N ALA A 237 20.93 -0.43 1.88
CA ALA A 237 20.43 -0.30 0.53
C ALA A 237 21.23 0.77 -0.23
N VAL A 238 21.77 1.75 0.50
CA VAL A 238 22.68 2.72 -0.08
C VAL A 238 23.95 2.00 -0.55
N ARG A 239 24.51 1.09 0.26
CA ARG A 239 25.70 0.36 -0.17
C ARG A 239 25.38 -0.47 -1.42
N ARG A 240 24.20 -1.08 -1.48
CA ARG A 240 23.87 -2.02 -2.53
C ARG A 240 23.63 -1.31 -3.86
N PHE A 241 23.06 -0.09 -3.85
CA PHE A 241 22.51 0.52 -5.06
C PHE A 241 23.20 1.84 -5.40
N SER A 242 23.99 2.38 -4.48
CA SER A 242 24.60 3.70 -4.59
C SER A 242 23.63 4.68 -5.24
N PRO A 243 22.54 5.03 -4.55
CA PRO A 243 21.62 6.05 -5.06
C PRO A 243 22.19 7.46 -4.93
N GLN A 244 21.53 8.40 -5.60
CA GLN A 244 21.94 9.79 -5.63
C GLN A 244 21.19 10.59 -4.57
N LEU A 245 20.05 10.04 -4.14
CA LEU A 245 19.12 10.74 -3.26
C LEU A 245 18.45 9.72 -2.35
N VAL A 246 18.39 10.06 -1.06
CA VAL A 246 17.61 9.37 -0.07
C VAL A 246 16.54 10.31 0.45
N CYS A 247 15.27 9.90 0.36
CA CYS A 247 14.17 10.66 0.90
C CYS A 247 13.56 9.93 2.09
N ILE A 248 13.32 10.68 3.16
CA ILE A 248 12.64 10.14 4.31
C ILE A 248 11.42 10.99 4.63
N SER A 249 10.27 10.34 4.63
CA SER A 249 9.05 10.88 5.19
C SER A 249 8.89 10.37 6.62
N ALA A 250 8.64 11.29 7.56
CA ALA A 250 8.49 10.94 8.95
C ALA A 250 7.35 11.74 9.58
N THR A 251 6.33 10.99 10.00
CA THR A 251 5.18 11.51 10.75
C THR A 251 5.35 11.25 12.24
N ILE A 252 5.82 10.06 12.60
CA ILE A 252 5.92 9.63 13.99
C ILE A 252 7.32 9.11 14.27
N VAL A 253 8.00 9.80 15.19
CA VAL A 253 9.34 9.42 15.63
C VAL A 253 9.46 9.53 17.16
N HIS A 254 9.86 8.44 17.83
CA HIS A 254 9.97 8.40 19.29
C HIS A 254 11.31 7.82 19.74
N ASP A 255 11.95 7.06 18.85
CA ASP A 255 13.05 6.20 19.19
C ASP A 255 14.36 6.97 19.12
N LEU A 256 14.47 8.04 19.91
CA LEU A 256 15.47 9.05 19.63
C LEU A 256 16.88 8.49 19.79
N GLU A 257 17.11 7.65 20.80
CA GLU A 257 18.47 7.23 21.13
C GLU A 257 18.95 6.24 20.08
N ARG A 258 18.09 5.31 19.67
CA ARG A 258 18.48 4.40 18.60
C ARG A 258 18.84 5.20 17.36
N LEU A 259 17.99 6.18 17.00
CA LEU A 259 18.21 6.95 15.79
C LEU A 259 19.47 7.82 15.90
N ARG A 260 19.73 8.44 17.05
CA ARG A 260 20.97 9.14 17.30
C ARG A 260 22.15 8.21 17.02
N ARG A 261 21.99 6.92 17.28
CA ARG A 261 23.11 6.01 17.31
C ARG A 261 23.39 5.41 15.94
N ASP A 262 22.32 5.13 15.20
CA ASP A 262 22.46 4.55 13.87
C ASP A 262 22.77 5.61 12.83
N TYR A 263 22.67 6.91 13.18
CA TYR A 263 22.70 7.94 12.15
C TYR A 263 24.12 8.03 11.58
N GLY A 264 25.13 8.00 12.47
CA GLY A 264 26.52 8.11 12.07
C GLY A 264 26.87 7.23 10.87
N ASP A 265 26.61 5.93 10.98
CA ASP A 265 26.87 4.94 9.94
C ASP A 265 26.09 5.30 8.68
N PHE A 266 24.81 5.65 8.87
CA PHE A 266 23.93 5.97 7.75
C PHE A 266 24.51 7.19 7.02
N TYR A 267 24.72 8.29 7.74
CA TYR A 267 25.20 9.51 7.13
C TYR A 267 26.54 9.30 6.43
N HIS A 268 27.46 8.54 7.01
CA HIS A 268 28.77 8.36 6.41
C HIS A 268 28.68 7.47 5.17
N THR A 269 27.79 6.46 5.16
CA THR A 269 27.57 5.66 3.96
C THR A 269 27.00 6.53 2.83
N VAL A 270 26.13 7.49 3.20
CA VAL A 270 25.50 8.37 2.23
C VAL A 270 26.57 9.22 1.57
N ARG A 271 27.43 9.86 2.37
CA ARG A 271 28.43 10.79 1.89
C ARG A 271 29.51 10.08 1.06
N GLN A 272 30.00 8.95 1.56
CA GLN A 272 30.97 8.16 0.82
C GLN A 272 30.37 7.83 -0.55
N HIS A 273 29.06 7.65 -0.68
CA HIS A 273 28.45 7.34 -1.96
C HIS A 273 28.01 8.60 -2.73
N GLY A 274 28.17 9.79 -2.13
CA GLY A 274 27.93 11.04 -2.83
C GLY A 274 26.45 11.38 -2.99
N ALA A 275 25.59 10.78 -2.14
CA ALA A 275 24.15 10.96 -2.23
C ALA A 275 23.70 12.10 -1.32
N ARG A 276 22.49 12.60 -1.57
CA ARG A 276 21.93 13.70 -0.76
C ARG A 276 20.72 13.20 0.04
N ILE A 277 20.36 13.89 1.11
CA ILE A 277 19.29 13.49 2.00
C ILE A 277 18.26 14.62 2.05
N VAL A 278 17.01 14.26 1.77
CA VAL A 278 15.90 15.17 1.92
C VAL A 278 14.89 14.54 2.89
N ILE A 279 14.46 15.35 3.88
CA ILE A 279 13.46 14.93 4.84
C ILE A 279 12.24 15.79 4.61
N GLY A 280 11.06 15.20 4.91
CA GLY A 280 9.83 15.94 5.15
C GLY A 280 8.88 15.14 6.06
N GLY A 281 7.84 15.83 6.51
CA GLY A 281 6.79 15.25 7.34
C GLY A 281 6.71 15.94 8.71
N ALA A 282 5.60 15.70 9.42
CA ALA A 282 5.29 16.42 10.66
C ALA A 282 6.31 16.13 11.77
N ALA A 283 6.94 14.93 11.75
CA ALA A 283 7.85 14.57 12.83
C ALA A 283 8.94 15.62 12.99
N PHE A 284 9.26 16.34 11.90
CA PHE A 284 10.40 17.22 11.93
C PHE A 284 10.02 18.61 12.42
N ALA A 285 8.79 18.76 12.90
CA ALA A 285 8.45 19.96 13.63
C ALA A 285 9.17 19.95 14.98
N ASP A 286 9.42 18.75 15.52
CA ASP A 286 10.19 18.59 16.74
C ASP A 286 11.68 18.84 16.43
N PRO A 287 12.34 19.80 17.12
CA PRO A 287 13.72 20.17 16.79
C PRO A 287 14.73 19.09 17.15
N GLN A 288 14.35 18.24 18.11
CA GLN A 288 15.24 17.15 18.51
C GLN A 288 15.27 16.15 17.37
N VAL A 289 14.10 15.91 16.77
CA VAL A 289 14.04 14.93 15.70
C VAL A 289 14.81 15.45 14.49
N ARG A 290 14.63 16.76 14.18
CA ARG A 290 15.29 17.44 13.05
C ARG A 290 16.82 17.45 13.25
N GLU A 291 17.27 17.66 14.48
CA GLU A 291 18.69 17.63 14.84
C GLU A 291 19.33 16.28 14.49
N ILE A 292 18.66 15.20 14.87
CA ILE A 292 19.15 13.86 14.64
C ILE A 292 19.29 13.61 13.14
N PHE A 293 18.29 14.03 12.35
CA PHE A 293 18.19 13.62 10.96
C PHE A 293 18.93 14.62 10.08
N ILE A 294 20.27 14.55 10.18
CA ILE A 294 21.16 15.40 9.42
C ILE A 294 20.81 15.24 7.96
N HIS A 295 20.64 16.38 7.27
CA HIS A 295 19.96 16.43 6.00
C HIS A 295 20.52 17.57 5.14
N ASP A 296 20.34 17.37 3.82
CA ASP A 296 20.70 18.38 2.83
C ASP A 296 19.55 19.33 2.56
N TYR A 297 18.31 18.87 2.76
CA TYR A 297 17.15 19.70 2.51
C TYR A 297 15.97 19.17 3.31
N GLN A 298 15.32 20.07 4.05
CA GLN A 298 14.07 19.78 4.70
C GLN A 298 12.97 20.51 3.96
N ALA A 299 12.00 19.73 3.46
CA ALA A 299 10.90 20.19 2.64
C ALA A 299 9.66 20.44 3.47
N ALA A 300 8.94 21.53 3.20
CA ALA A 300 7.61 21.79 3.73
C ALA A 300 6.54 20.98 2.97
N GLY A 301 6.71 20.89 1.65
CA GLY A 301 5.79 20.16 0.80
C GLY A 301 6.46 19.78 -0.52
N LEU A 302 5.64 19.50 -1.53
CA LEU A 302 6.11 19.00 -2.79
C LEU A 302 6.61 20.13 -3.66
N THR A 303 6.02 21.33 -3.50
CA THR A 303 6.37 22.46 -4.36
C THR A 303 7.81 22.88 -4.11
N ASP A 304 8.23 22.99 -2.85
CA ASP A 304 9.57 23.49 -2.54
C ASP A 304 10.59 22.37 -2.69
N PHE A 305 10.12 21.12 -2.54
CA PHE A 305 10.95 19.94 -2.82
C PHE A 305 11.38 19.97 -4.29
N LEU A 306 10.41 20.21 -5.19
CA LEU A 306 10.70 20.38 -6.60
C LEU A 306 11.68 21.52 -6.83
N ASP A 307 11.53 22.65 -6.13
CA ASP A 307 12.46 23.75 -6.33
C ASP A 307 13.84 23.22 -6.00
N TYR A 308 13.95 22.47 -4.89
CA TYR A 308 15.22 21.91 -4.48
C TYR A 308 15.76 20.98 -5.58
N LEU A 309 14.90 20.10 -6.10
CA LEU A 309 15.36 19.14 -7.10
C LEU A 309 15.96 19.87 -8.32
N ARG A 310 15.32 20.97 -8.71
CA ARG A 310 15.66 21.65 -9.96
C ARG A 310 17.02 22.35 -9.83
N ARG A 311 17.34 22.80 -8.61
CA ARG A 311 18.59 23.52 -8.35
C ARG A 311 19.68 22.47 -8.09
N GLU A 312 19.33 21.38 -7.38
CA GLU A 312 20.34 20.45 -6.93
C GLU A 312 20.59 19.37 -7.99
N PHE A 313 19.54 18.95 -8.70
CA PHE A 313 19.67 17.93 -9.73
C PHE A 313 19.07 18.40 -11.04
N PRO A 314 19.70 19.39 -11.72
CA PRO A 314 19.12 19.99 -12.94
C PRO A 314 19.28 19.05 -14.12
N THR A 315 18.34 19.09 -15.06
CA THR A 315 18.42 18.25 -16.26
C THR A 315 18.54 19.18 -17.47
N PRO A 316 19.20 18.74 -18.56
CA PRO A 316 19.64 19.62 -19.64
C PRO A 316 18.57 20.50 -20.24
N ALA A 317 17.41 19.91 -20.56
CA ALA A 317 16.34 20.65 -21.23
C ALA A 317 15.06 19.82 -21.22
N LEU B 95 14.19 -18.74 -20.10
CA LEU B 95 12.99 -18.31 -19.31
C LEU B 95 11.72 -18.94 -19.87
N ASP B 96 11.49 -18.72 -21.18
CA ASP B 96 10.32 -19.26 -21.87
C ASP B 96 10.31 -20.79 -21.75
N GLN B 97 11.51 -21.38 -21.63
CA GLN B 97 11.71 -22.78 -21.26
C GLN B 97 11.03 -23.08 -19.92
N ALA B 98 11.36 -22.28 -18.90
CA ALA B 98 10.82 -22.46 -17.56
C ALA B 98 9.30 -22.30 -17.55
N LEU B 99 8.75 -21.39 -18.36
CA LEU B 99 7.31 -21.25 -18.47
C LEU B 99 6.70 -22.51 -19.09
N VAL B 100 7.23 -22.94 -20.27
CA VAL B 100 6.71 -24.11 -20.98
C VAL B 100 6.69 -25.30 -20.02
N ALA B 101 7.84 -25.60 -19.40
CA ALA B 101 8.01 -26.70 -18.46
C ALA B 101 7.17 -26.51 -17.19
N ARG B 102 6.80 -25.26 -16.87
CA ARG B 102 6.09 -24.92 -15.66
C ARG B 102 6.98 -25.18 -14.44
N ASP B 103 8.26 -24.80 -14.58
CA ASP B 103 9.28 -25.04 -13.56
C ASP B 103 9.18 -23.93 -12.50
N TRP B 104 8.21 -24.12 -11.60
CA TRP B 104 7.98 -23.22 -10.49
C TRP B 104 9.30 -22.74 -9.90
N ALA B 105 10.21 -23.66 -9.59
CA ALA B 105 11.48 -23.32 -8.97
C ALA B 105 12.17 -22.22 -9.76
N ALA B 106 12.29 -22.42 -11.08
CA ALA B 106 12.97 -21.42 -11.89
C ALA B 106 12.24 -20.08 -11.80
N LEU B 107 10.90 -20.12 -11.80
CA LEU B 107 10.07 -18.93 -11.78
C LEU B 107 10.15 -18.26 -10.40
N GLN B 108 10.10 -19.06 -9.33
CA GLN B 108 10.30 -18.59 -7.97
C GLN B 108 11.62 -17.83 -7.86
N ALA B 109 12.67 -18.42 -8.43
CA ALA B 109 14.00 -17.85 -8.30
C ALA B 109 14.09 -16.51 -9.04
N ARG B 110 13.42 -16.38 -10.18
CA ARG B 110 13.51 -15.14 -10.95
C ARG B 110 12.69 -14.02 -10.29
N TYR B 111 11.52 -14.37 -9.76
CA TYR B 111 10.73 -13.43 -8.98
C TYR B 111 11.56 -12.89 -7.80
N TYR B 112 12.11 -13.81 -7.00
CA TYR B 112 12.92 -13.44 -5.84
C TYR B 112 14.01 -12.45 -6.29
N GLU B 113 14.78 -12.80 -7.33
CA GLU B 113 15.85 -11.94 -7.85
C GLU B 113 15.33 -10.54 -8.13
N ALA B 114 14.15 -10.44 -8.73
CA ALA B 114 13.56 -9.16 -9.06
C ALA B 114 13.10 -8.45 -7.79
N ALA B 115 12.37 -9.16 -6.95
CA ALA B 115 11.82 -8.59 -5.73
C ALA B 115 12.88 -8.01 -4.80
N VAL B 116 13.97 -8.73 -4.51
CA VAL B 116 14.92 -8.26 -3.50
C VAL B 116 15.82 -7.18 -4.12
N ALA B 117 15.83 -7.08 -5.46
CA ALA B 117 16.50 -5.98 -6.13
C ALA B 117 15.63 -4.72 -6.15
N GLY B 118 14.36 -4.82 -5.77
CA GLY B 118 13.47 -3.68 -5.78
C GLY B 118 13.06 -3.32 -7.20
N ASP B 119 13.05 -4.30 -8.12
CA ASP B 119 12.78 -4.08 -9.52
C ASP B 119 11.34 -4.48 -9.88
N GLU B 120 10.45 -3.48 -9.81
CA GLU B 120 9.03 -3.66 -10.05
C GLU B 120 8.77 -4.11 -11.49
N LEU B 121 9.51 -3.55 -12.47
CA LEU B 121 9.27 -3.83 -13.88
C LEU B 121 9.60 -5.28 -14.21
N ALA B 122 10.78 -5.77 -13.79
CA ALA B 122 11.12 -7.17 -13.99
C ALA B 122 10.07 -8.09 -13.35
N GLY B 123 9.55 -7.67 -12.19
CA GLY B 123 8.62 -8.49 -11.45
C GLY B 123 7.31 -8.67 -12.21
N VAL B 124 6.80 -7.54 -12.75
CA VAL B 124 5.56 -7.54 -13.52
C VAL B 124 5.80 -8.29 -14.83
N ALA B 125 6.91 -7.97 -15.51
CA ALA B 125 7.29 -8.64 -16.75
C ALA B 125 7.15 -10.15 -16.63
N LEU B 126 7.81 -10.71 -15.61
CA LEU B 126 7.85 -12.15 -15.39
C LEU B 126 6.43 -12.67 -15.23
N LEU B 127 5.68 -12.05 -14.33
CA LEU B 127 4.33 -12.50 -14.03
C LEU B 127 3.44 -12.37 -15.26
N GLU B 128 3.60 -11.28 -16.01
CA GLU B 128 2.75 -11.00 -17.16
C GLU B 128 3.07 -12.00 -18.27
N ARG B 129 4.38 -12.20 -18.53
CA ARG B 129 4.77 -13.17 -19.53
C ARG B 129 4.22 -14.54 -19.16
N ALA B 130 4.35 -14.91 -17.88
CA ALA B 130 3.91 -16.21 -17.38
C ALA B 130 2.41 -16.44 -17.61
N TYR B 131 1.60 -15.43 -17.25
CA TYR B 131 0.16 -15.46 -17.49
C TYR B 131 -0.16 -15.69 -18.97
N ARG B 132 0.49 -14.92 -19.87
CA ARG B 132 0.31 -14.99 -21.31
C ARG B 132 1.02 -16.21 -21.93
N SER B 133 1.72 -17.00 -21.13
CA SER B 133 2.22 -18.29 -21.55
C SER B 133 1.21 -19.38 -21.15
N GLY B 134 0.13 -19.01 -20.45
CA GLY B 134 -0.97 -19.94 -20.23
C GLY B 134 -1.24 -20.23 -18.75
N ILE B 135 -0.43 -19.66 -17.84
CA ILE B 135 -0.58 -19.96 -16.42
C ILE B 135 -1.61 -19.02 -15.82
N PRO B 136 -2.69 -19.51 -15.19
CA PRO B 136 -3.61 -18.64 -14.46
C PRO B 136 -2.85 -17.80 -13.44
N VAL B 137 -3.40 -16.62 -13.09
CA VAL B 137 -2.81 -15.74 -12.09
C VAL B 137 -2.85 -16.39 -10.70
N VAL B 138 -3.97 -17.04 -10.36
CA VAL B 138 -4.13 -17.75 -9.10
C VAL B 138 -2.95 -18.70 -8.90
N ALA B 139 -2.59 -19.44 -9.95
CA ALA B 139 -1.48 -20.37 -9.88
C ALA B 139 -0.19 -19.60 -9.59
N LEU B 140 0.02 -18.48 -10.30
CA LEU B 140 1.17 -17.63 -10.04
C LEU B 140 1.20 -17.15 -8.59
N LYS B 141 0.05 -16.80 -8.05
CA LYS B 141 -0.01 -16.35 -6.69
C LYS B 141 0.46 -17.48 -5.77
N GLU B 142 -0.05 -18.69 -5.99
CA GLU B 142 0.07 -19.78 -5.02
C GLU B 142 1.42 -20.50 -5.13
N HIS B 143 1.94 -20.64 -6.35
CA HIS B 143 3.14 -21.44 -6.60
C HIS B 143 4.33 -20.57 -6.99
N VAL B 144 4.21 -19.22 -6.94
CA VAL B 144 5.34 -18.34 -7.24
C VAL B 144 5.47 -17.28 -6.13
N LEU B 145 4.42 -16.53 -5.84
CA LEU B 145 4.51 -15.37 -4.97
C LEU B 145 4.58 -15.82 -3.51
N THR B 146 3.57 -16.59 -3.09
CA THR B 146 3.48 -17.14 -1.74
C THR B 146 4.78 -17.87 -1.37
N PRO B 147 5.29 -18.86 -2.15
CA PRO B 147 6.53 -19.54 -1.80
C PRO B 147 7.72 -18.61 -1.69
N VAL B 148 7.90 -17.72 -2.67
CA VAL B 148 8.99 -16.76 -2.63
C VAL B 148 8.93 -15.92 -1.35
N LEU B 149 7.73 -15.51 -0.93
CA LEU B 149 7.62 -14.69 0.25
C LEU B 149 7.80 -15.52 1.53
N HIS B 150 7.37 -16.77 1.54
CA HIS B 150 7.57 -17.60 2.75
C HIS B 150 9.08 -17.82 2.93
N LEU B 151 9.80 -17.89 1.83
CA LEU B 151 11.22 -18.15 1.83
C LEU B 151 11.97 -16.89 2.28
N ILE B 152 11.54 -15.72 1.81
CA ILE B 152 12.12 -14.47 2.27
C ILE B 152 12.05 -14.46 3.80
N GLY B 153 10.93 -14.93 4.35
CA GLY B 153 10.75 -14.89 5.80
C GLY B 153 11.71 -15.82 6.50
N GLU B 154 11.91 -17.03 5.92
CA GLU B 154 12.69 -18.09 6.51
C GLU B 154 14.14 -17.60 6.60
N ARG B 155 14.59 -17.05 5.49
CA ARG B 155 15.98 -16.65 5.36
C ARG B 155 16.23 -15.46 6.27
N TRP B 156 15.25 -14.56 6.37
CA TRP B 156 15.37 -13.44 7.28
C TRP B 156 15.63 -13.98 8.67
N ARG B 157 14.84 -15.00 9.03
CA ARG B 157 14.92 -15.57 10.36
C ARG B 157 16.31 -16.15 10.64
N ARG B 158 16.90 -16.85 9.65
CA ARG B 158 18.20 -17.49 9.78
C ARG B 158 19.37 -16.53 9.58
N GLY B 159 19.12 -15.23 9.37
CA GLY B 159 20.17 -14.26 9.08
C GLY B 159 20.75 -14.35 7.67
N GLU B 160 20.14 -15.09 6.74
CA GLU B 160 20.64 -15.19 5.37
C GLU B 160 20.16 -14.04 4.47
N LEU B 161 19.24 -13.21 4.98
CA LEU B 161 18.57 -12.14 4.26
C LEU B 161 18.25 -11.04 5.27
N ASN B 162 18.34 -9.78 4.83
CA ASN B 162 18.12 -8.68 5.76
C ASN B 162 16.80 -7.98 5.46
N ILE B 163 16.40 -7.17 6.45
CA ILE B 163 15.17 -6.41 6.39
C ILE B 163 15.06 -5.66 5.07
N TRP B 164 16.12 -4.93 4.69
CA TRP B 164 16.06 -4.05 3.53
C TRP B 164 15.58 -4.85 2.32
N GLU B 165 16.01 -6.12 2.21
CA GLU B 165 15.67 -6.94 1.05
C GLU B 165 14.20 -7.37 1.08
N GLU B 166 13.66 -7.64 2.26
CA GLU B 166 12.25 -7.96 2.39
C GLU B 166 11.40 -6.74 2.05
N HIS B 167 11.70 -5.59 2.69
CA HIS B 167 10.96 -4.37 2.45
C HIS B 167 10.79 -4.14 0.93
N LEU B 168 11.90 -4.31 0.19
CA LEU B 168 11.90 -4.09 -1.25
C LEU B 168 10.97 -5.09 -1.91
N ALA B 169 11.10 -6.37 -1.54
CA ALA B 169 10.28 -7.41 -2.15
C ALA B 169 8.79 -7.17 -1.89
N SER B 170 8.46 -6.60 -0.72
CA SER B 170 7.08 -6.37 -0.33
C SER B 170 6.46 -5.24 -1.15
N GLN B 171 7.24 -4.18 -1.44
CA GLN B 171 6.75 -3.09 -2.27
C GLN B 171 6.64 -3.54 -3.73
N VAL B 172 7.69 -4.20 -4.23
CA VAL B 172 7.66 -4.82 -5.55
C VAL B 172 6.39 -5.65 -5.66
N THR B 173 6.08 -6.48 -4.66
CA THR B 173 4.96 -7.41 -4.82
C THR B 173 3.64 -6.64 -4.84
N LEU B 174 3.45 -5.70 -3.91
CA LEU B 174 2.23 -4.90 -3.84
C LEU B 174 1.99 -4.20 -5.19
N ALA B 175 3.06 -3.66 -5.78
CA ALA B 175 2.94 -2.85 -6.96
C ALA B 175 2.73 -3.76 -8.16
N ALA B 176 3.48 -4.87 -8.18
CA ALA B 176 3.49 -5.78 -9.31
C ALA B 176 2.14 -6.50 -9.46
N THR B 177 1.55 -6.85 -8.33
CA THR B 177 0.33 -7.62 -8.38
C THR B 177 -0.81 -6.70 -8.81
N GLU B 178 -0.77 -5.43 -8.39
CA GLU B 178 -1.76 -4.43 -8.78
C GLU B 178 -1.69 -4.16 -10.29
N HIS B 179 -0.48 -4.00 -10.80
CA HIS B 179 -0.19 -3.69 -12.19
C HIS B 179 -0.74 -4.78 -13.11
N LEU B 180 -0.50 -6.04 -12.75
CA LEU B 180 -0.99 -7.14 -13.54
C LEU B 180 -2.52 -7.19 -13.50
N HIS B 181 -3.09 -6.98 -12.31
CA HIS B 181 -4.53 -7.03 -12.09
C HIS B 181 -5.29 -6.15 -13.08
N ARG B 182 -4.83 -4.89 -13.22
CA ARG B 182 -5.46 -3.91 -14.09
C ARG B 182 -5.40 -4.34 -15.56
N GLN B 183 -4.54 -5.31 -15.89
CA GLN B 183 -4.45 -5.77 -17.27
C GLN B 183 -5.22 -7.08 -17.53
N LEU B 184 -6.12 -7.45 -16.61
CA LEU B 184 -6.77 -8.76 -16.65
C LEU B 184 -8.25 -8.62 -17.00
N PRO B 185 -8.79 -9.52 -17.85
CA PRO B 185 -10.24 -9.70 -17.97
C PRO B 185 -10.90 -9.92 -16.61
N ARG B 186 -12.08 -9.32 -16.43
CA ARG B 186 -12.89 -9.51 -15.25
C ARG B 186 -14.29 -10.00 -15.65
N ALA B 187 -14.87 -10.87 -14.84
CA ALA B 187 -16.30 -11.15 -14.90
C ALA B 187 -17.09 -9.85 -14.79
N PRO B 188 -18.35 -9.83 -15.26
CA PRO B 188 -19.19 -8.63 -15.07
C PRO B 188 -19.60 -8.50 -13.60
N PHE B 189 -19.90 -7.26 -13.17
CA PHE B 189 -20.31 -7.03 -11.78
C PHE B 189 -21.35 -8.09 -11.41
N ASN B 190 -21.36 -8.54 -10.16
CA ASN B 190 -22.25 -9.65 -9.78
C ASN B 190 -23.21 -9.17 -8.70
N GLY B 191 -23.20 -7.85 -8.44
CA GLY B 191 -24.05 -7.23 -7.44
C GLY B 191 -23.60 -7.43 -5.99
N ARG B 192 -22.53 -8.22 -5.76
CA ARG B 192 -22.16 -8.60 -4.40
C ARG B 192 -20.97 -7.76 -3.91
N LEU B 193 -20.97 -7.46 -2.61
CA LEU B 193 -19.95 -6.63 -1.99
C LEU B 193 -19.20 -7.44 -0.94
N ALA B 194 -17.86 -7.44 -1.06
CA ALA B 194 -16.94 -8.02 -0.09
C ALA B 194 -16.23 -6.92 0.69
N LEU B 195 -16.23 -7.08 2.03
CA LEU B 195 -15.51 -6.21 2.96
C LEU B 195 -14.24 -6.90 3.47
N CYS B 196 -13.06 -6.30 3.25
CA CYS B 196 -11.79 -6.99 3.47
C CYS B 196 -10.84 -6.22 4.40
N GLY B 197 -10.13 -6.98 5.26
CA GLY B 197 -9.24 -6.40 6.24
C GLY B 197 -8.31 -7.43 6.89
N CYS B 198 -7.33 -6.92 7.66
CA CYS B 198 -6.55 -7.74 8.55
C CYS B 198 -6.75 -7.23 9.97
N PRO B 199 -6.58 -8.06 11.03
CA PRO B 199 -6.87 -7.59 12.39
C PRO B 199 -6.01 -6.44 12.92
N GLU B 200 -6.31 -5.97 14.13
CA GLU B 200 -5.61 -4.83 14.69
C GLU B 200 -4.19 -5.28 15.06
N GLY B 201 -3.19 -4.43 14.79
CA GLY B 201 -1.80 -4.72 15.09
C GLY B 201 -1.14 -5.69 14.10
N ASP B 202 -1.81 -6.11 13.03
CA ASP B 202 -1.19 -6.97 12.02
C ASP B 202 -0.91 -6.14 10.74
N LEU B 203 0.36 -6.10 10.29
CA LEU B 203 0.77 -5.23 9.18
C LEU B 203 0.95 -6.01 7.88
N HIS B 204 0.79 -7.34 7.95
CA HIS B 204 0.97 -8.20 6.80
C HIS B 204 -0.28 -8.10 5.92
N GLU B 205 -0.13 -7.58 4.71
CA GLU B 205 -1.28 -7.18 3.93
C GLU B 205 -1.20 -7.67 2.50
N ILE B 206 -0.19 -8.46 2.14
CA ILE B 206 -0.06 -8.88 0.75
C ILE B 206 -1.13 -9.90 0.40
N ALA B 207 -1.38 -10.85 1.32
CA ALA B 207 -2.36 -11.88 1.04
C ALA B 207 -3.73 -11.23 0.80
N LEU B 208 -4.05 -10.24 1.63
CA LEU B 208 -5.32 -9.54 1.53
C LEU B 208 -5.44 -8.97 0.12
N HIS B 209 -4.35 -8.43 -0.43
CA HIS B 209 -4.39 -7.85 -1.77
C HIS B 209 -4.68 -8.96 -2.76
N LEU B 210 -4.06 -10.12 -2.55
CA LEU B 210 -4.13 -11.24 -3.45
C LEU B 210 -5.58 -11.73 -3.54
N VAL B 211 -6.28 -11.70 -2.40
CA VAL B 211 -7.64 -12.17 -2.31
C VAL B 211 -8.62 -11.17 -2.94
N MET B 212 -8.50 -9.91 -2.52
CA MET B 212 -9.31 -8.81 -3.03
C MET B 212 -9.24 -8.80 -4.56
N GLU B 213 -8.04 -8.96 -5.10
CA GLU B 213 -7.90 -9.03 -6.54
C GLU B 213 -8.78 -10.16 -7.05
N VAL B 214 -8.61 -11.35 -6.48
CA VAL B 214 -9.34 -12.52 -6.95
C VAL B 214 -10.83 -12.22 -6.96
N LEU B 215 -11.34 -11.59 -5.90
CA LEU B 215 -12.73 -11.19 -5.84
C LEU B 215 -13.15 -10.31 -7.04
N GLU B 216 -12.38 -9.26 -7.33
CA GLU B 216 -12.77 -8.32 -8.39
C GLU B 216 -12.79 -8.99 -9.77
N VAL B 217 -11.87 -9.92 -10.01
CA VAL B 217 -11.83 -10.74 -11.21
C VAL B 217 -13.08 -11.63 -11.28
N GLU B 218 -13.59 -12.10 -10.14
CA GLU B 218 -14.87 -12.82 -10.09
C GLU B 218 -16.04 -11.85 -10.13
N GLY B 219 -15.77 -10.54 -10.26
CA GLY B 219 -16.79 -9.56 -10.54
C GLY B 219 -17.40 -8.97 -9.27
N TRP B 220 -16.78 -9.21 -8.10
CA TRP B 220 -17.25 -8.58 -6.87
C TRP B 220 -16.75 -7.14 -6.77
N ARG B 221 -17.50 -6.31 -6.06
CA ARG B 221 -17.02 -5.00 -5.64
C ARG B 221 -16.46 -5.23 -4.25
N VAL B 222 -15.36 -4.54 -3.92
CA VAL B 222 -14.59 -4.83 -2.72
C VAL B 222 -14.40 -3.53 -1.94
N LEU B 223 -14.74 -3.51 -0.65
CA LEU B 223 -14.34 -2.42 0.23
C LEU B 223 -13.16 -2.90 1.09
N SER B 224 -12.04 -2.19 0.99
CA SER B 224 -10.80 -2.52 1.68
C SER B 224 -10.63 -1.61 2.88
N LEU B 225 -10.66 -2.20 4.09
CA LEU B 225 -10.28 -1.47 5.31
C LEU B 225 -8.77 -1.50 5.52
N GLY B 226 -8.09 -2.39 4.79
CA GLY B 226 -6.65 -2.52 4.88
C GLY B 226 -6.26 -3.28 6.16
N PRO B 227 -4.96 -3.33 6.48
CA PRO B 227 -4.48 -4.03 7.69
C PRO B 227 -4.78 -3.20 8.92
N ASN B 228 -4.59 -3.82 10.08
CA ASN B 228 -4.59 -3.10 11.34
C ASN B 228 -5.97 -2.48 11.56
N THR B 229 -7.00 -3.31 11.34
CA THR B 229 -8.41 -2.93 11.49
C THR B 229 -8.99 -3.54 12.76
N PRO B 230 -9.28 -2.73 13.79
CA PRO B 230 -10.03 -3.23 14.95
C PRO B 230 -11.30 -4.01 14.55
N LEU B 231 -11.66 -5.02 15.35
CA LEU B 231 -12.78 -5.87 15.02
C LEU B 231 -14.08 -5.06 15.04
N PHE B 232 -14.25 -4.19 16.03
CA PHE B 232 -15.33 -3.22 16.04
C PHE B 232 -15.34 -2.31 14.82
N SER B 233 -14.17 -2.06 14.23
CA SER B 233 -14.16 -1.20 13.07
C SER B 233 -14.69 -1.97 11.86
N PHE B 234 -14.51 -3.29 11.83
CA PHE B 234 -15.16 -4.11 10.82
C PHE B 234 -16.68 -4.02 10.96
N ALA B 235 -17.20 -4.22 12.19
CA ALA B 235 -18.64 -4.16 12.44
C ALA B 235 -19.21 -2.80 12.07
N ASP B 236 -18.54 -1.72 12.46
CA ASP B 236 -19.03 -0.40 12.09
C ASP B 236 -19.35 -0.44 10.61
N ALA B 237 -18.42 -0.96 9.81
CA ALA B 237 -18.52 -0.86 8.37
C ALA B 237 -19.56 -1.83 7.80
N VAL B 238 -19.86 -2.90 8.55
CA VAL B 238 -20.89 -3.89 8.12
C VAL B 238 -22.27 -3.24 8.31
N ARG B 239 -22.42 -2.41 9.33
CA ARG B 239 -23.70 -1.72 9.57
C ARG B 239 -23.98 -0.87 8.33
N ARG B 240 -22.99 -0.13 7.86
CA ARG B 240 -23.14 0.60 6.58
C ARG B 240 -22.79 -0.42 5.50
N PHE B 241 -22.88 -0.07 4.22
CA PHE B 241 -22.40 -0.98 3.14
C PHE B 241 -23.17 -2.31 3.07
N SER B 242 -23.55 -2.89 4.20
CA SER B 242 -24.28 -4.18 4.23
C SER B 242 -23.64 -5.19 3.27
N PRO B 243 -22.42 -5.67 3.57
CA PRO B 243 -21.74 -6.61 2.69
C PRO B 243 -22.31 -8.01 2.72
N GLN B 244 -22.10 -8.77 1.65
CA GLN B 244 -22.58 -10.17 1.58
C GLN B 244 -21.44 -11.05 2.11
N LEU B 245 -20.21 -10.55 1.99
CA LEU B 245 -19.02 -11.26 2.42
C LEU B 245 -18.14 -10.36 3.29
N VAL B 246 -17.60 -10.91 4.37
CA VAL B 246 -16.48 -10.33 5.07
C VAL B 246 -15.28 -11.28 5.01
N CYS B 247 -14.14 -10.78 4.53
CA CYS B 247 -12.89 -11.55 4.43
C CYS B 247 -11.87 -11.02 5.43
N ILE B 248 -11.17 -11.93 6.13
CA ILE B 248 -10.14 -11.54 7.08
C ILE B 248 -8.89 -12.38 6.85
N SER B 249 -7.80 -11.67 6.52
CA SER B 249 -6.45 -12.25 6.50
C SER B 249 -5.81 -11.92 7.83
N ALA B 250 -5.16 -12.92 8.42
CA ALA B 250 -4.47 -12.75 9.70
C ALA B 250 -3.20 -13.60 9.73
N THR B 251 -2.09 -12.91 10.03
CA THR B 251 -0.77 -13.51 10.09
C THR B 251 -0.25 -13.48 11.54
N ILE B 252 -0.43 -12.34 12.22
CA ILE B 252 0.01 -12.10 13.58
C ILE B 252 -1.23 -11.74 14.40
N VAL B 253 -1.56 -12.54 15.43
CA VAL B 253 -2.63 -12.20 16.35
C VAL B 253 -2.26 -12.58 17.77
N HIS B 254 -2.30 -11.63 18.70
CA HIS B 254 -1.91 -11.96 20.06
C HIS B 254 -2.94 -11.44 21.06
N ASP B 255 -3.90 -10.61 20.62
CA ASP B 255 -4.71 -9.88 21.58
C ASP B 255 -5.97 -10.67 21.96
N LEU B 256 -5.78 -11.91 22.39
CA LEU B 256 -6.84 -12.91 22.47
C LEU B 256 -8.02 -12.44 23.33
N GLU B 257 -7.76 -11.81 24.49
CA GLU B 257 -8.84 -11.57 25.42
C GLU B 257 -9.72 -10.46 24.86
N ARG B 258 -9.13 -9.51 24.12
CA ARG B 258 -9.93 -8.45 23.50
C ARG B 258 -10.77 -9.03 22.35
N LEU B 259 -10.13 -9.77 21.44
CA LEU B 259 -10.84 -10.34 20.31
C LEU B 259 -11.96 -11.25 20.80
N ARG B 260 -11.68 -12.09 21.80
CA ARG B 260 -12.70 -12.93 22.45
C ARG B 260 -13.96 -12.15 22.81
N ARG B 261 -13.79 -10.97 23.41
CA ARG B 261 -14.89 -10.18 23.92
C ARG B 261 -15.50 -9.28 22.83
N ASP B 262 -14.75 -8.97 21.77
CA ASP B 262 -15.27 -8.10 20.71
C ASP B 262 -16.00 -8.94 19.65
N TYR B 263 -15.69 -10.24 19.57
CA TYR B 263 -16.14 -11.06 18.45
C TYR B 263 -17.65 -11.26 18.48
N GLY B 264 -18.24 -11.26 19.68
CA GLY B 264 -19.67 -11.48 19.87
C GLY B 264 -20.51 -10.49 19.07
N ASP B 265 -20.18 -9.20 19.22
CA ASP B 265 -20.92 -8.12 18.56
C ASP B 265 -20.66 -8.12 17.05
N PHE B 266 -19.41 -8.35 16.66
CA PHE B 266 -19.06 -8.36 15.25
C PHE B 266 -19.84 -9.49 14.57
N TYR B 267 -19.98 -10.65 15.22
CA TYR B 267 -20.64 -11.79 14.60
C TYR B 267 -22.14 -11.55 14.49
N HIS B 268 -22.74 -11.10 15.60
CA HIS B 268 -24.12 -10.69 15.67
C HIS B 268 -24.37 -9.81 14.44
N THR B 269 -23.58 -8.73 14.32
CA THR B 269 -23.79 -7.72 13.28
C THR B 269 -23.67 -8.38 11.88
N VAL B 270 -22.75 -9.33 11.72
CA VAL B 270 -22.56 -9.95 10.42
C VAL B 270 -23.85 -10.63 9.97
N ARG B 271 -24.39 -11.45 10.89
CA ARG B 271 -25.54 -12.32 10.66
C ARG B 271 -26.82 -11.53 10.48
N GLN B 272 -27.04 -10.52 11.32
CA GLN B 272 -28.20 -9.69 11.15
C GLN B 272 -28.07 -8.80 9.91
N HIS B 273 -26.99 -8.94 9.12
CA HIS B 273 -26.92 -8.37 7.76
C HIS B 273 -26.76 -9.47 6.73
N GLY B 274 -26.88 -10.72 7.21
CA GLY B 274 -26.85 -11.93 6.42
C GLY B 274 -25.50 -12.15 5.75
N ALA B 275 -24.43 -11.54 6.29
CA ALA B 275 -23.12 -11.62 5.67
C ALA B 275 -22.49 -12.98 5.97
N ARG B 276 -21.57 -13.41 5.13
CA ARG B 276 -20.74 -14.58 5.41
C ARG B 276 -19.33 -14.13 5.83
N ILE B 277 -18.64 -14.95 6.67
CA ILE B 277 -17.29 -14.67 7.13
C ILE B 277 -16.32 -15.71 6.58
N VAL B 278 -15.28 -15.23 5.85
CA VAL B 278 -14.19 -16.09 5.40
C VAL B 278 -12.87 -15.58 6.00
N ILE B 279 -12.14 -16.53 6.60
CA ILE B 279 -10.87 -16.28 7.26
C ILE B 279 -9.80 -17.04 6.49
N GLY B 280 -8.56 -16.55 6.57
CA GLY B 280 -7.37 -17.24 6.04
C GLY B 280 -6.08 -16.59 6.55
N GLY B 281 -4.95 -17.27 6.30
CA GLY B 281 -3.63 -16.87 6.81
C GLY B 281 -3.15 -17.68 8.01
N ALA B 282 -1.85 -17.58 8.30
CA ALA B 282 -1.13 -18.43 9.25
C ALA B 282 -1.64 -18.29 10.68
N ALA B 283 -2.23 -17.16 11.04
CA ALA B 283 -2.64 -16.94 12.43
C ALA B 283 -3.68 -17.98 12.87
N PHE B 284 -4.44 -18.52 11.91
CA PHE B 284 -5.52 -19.46 12.21
C PHE B 284 -4.99 -20.90 12.35
N ALA B 285 -3.69 -21.13 12.13
CA ALA B 285 -3.08 -22.39 12.53
C ALA B 285 -3.08 -22.53 14.06
N ASP B 286 -3.30 -21.45 14.80
CA ASP B 286 -3.36 -21.49 16.26
C ASP B 286 -4.81 -21.76 16.67
N PRO B 287 -5.07 -22.84 17.44
CA PRO B 287 -6.45 -23.30 17.62
C PRO B 287 -7.27 -22.30 18.45
N GLN B 288 -6.61 -21.56 19.36
CA GLN B 288 -7.29 -20.58 20.19
C GLN B 288 -7.75 -19.39 19.34
N VAL B 289 -6.94 -19.00 18.36
CA VAL B 289 -7.33 -17.92 17.46
C VAL B 289 -8.51 -18.40 16.59
N ARG B 290 -8.35 -19.55 15.90
CA ARG B 290 -9.39 -20.10 15.03
C ARG B 290 -10.73 -20.25 15.77
N GLU B 291 -10.67 -20.67 17.04
CA GLU B 291 -11.85 -20.81 17.88
C GLU B 291 -12.59 -19.48 18.05
N ILE B 292 -11.86 -18.37 18.21
CA ILE B 292 -12.54 -17.10 18.43
C ILE B 292 -13.19 -16.63 17.14
N PHE B 293 -12.56 -16.98 16.00
CA PHE B 293 -12.95 -16.43 14.71
C PHE B 293 -13.99 -17.38 14.09
N ILE B 294 -15.19 -17.35 14.68
CA ILE B 294 -16.27 -18.20 14.21
C ILE B 294 -16.50 -17.79 12.76
N HIS B 295 -16.54 -18.78 11.86
CA HIS B 295 -16.49 -18.48 10.45
C HIS B 295 -17.28 -19.49 9.60
N ASP B 296 -17.51 -19.14 8.34
CA ASP B 296 -18.25 -19.95 7.40
C ASP B 296 -17.29 -20.75 6.53
N TYR B 297 -16.14 -20.17 6.18
CA TYR B 297 -15.10 -20.92 5.50
C TYR B 297 -13.73 -20.43 5.95
N GLN B 298 -12.83 -21.38 6.18
CA GLN B 298 -11.41 -21.14 6.37
C GLN B 298 -10.64 -21.63 5.13
N ALA B 299 -9.90 -20.72 4.48
CA ALA B 299 -9.24 -21.02 3.22
C ALA B 299 -7.76 -21.31 3.44
N ALA B 300 -7.27 -22.36 2.78
CA ALA B 300 -5.87 -22.73 2.81
C ALA B 300 -5.09 -21.82 1.85
N GLY B 301 -5.75 -21.47 0.75
CA GLY B 301 -5.15 -20.63 -0.26
C GLY B 301 -6.25 -19.94 -1.07
N LEU B 302 -5.96 -19.71 -2.34
CA LEU B 302 -6.89 -18.97 -3.19
C LEU B 302 -7.83 -19.94 -3.90
N THR B 303 -7.28 -21.07 -4.38
CA THR B 303 -8.05 -22.04 -5.16
C THR B 303 -9.28 -22.53 -4.40
N ASP B 304 -9.09 -23.04 -3.18
CA ASP B 304 -10.22 -23.54 -2.42
C ASP B 304 -11.13 -22.38 -2.07
N PHE B 305 -10.56 -21.17 -1.95
CA PHE B 305 -11.37 -19.97 -1.75
C PHE B 305 -12.38 -19.83 -2.89
N LEU B 306 -11.90 -19.98 -4.13
CA LEU B 306 -12.74 -19.94 -5.32
C LEU B 306 -13.80 -21.05 -5.29
N ASP B 307 -13.41 -22.29 -4.95
CA ASP B 307 -14.36 -23.38 -4.79
C ASP B 307 -15.46 -22.97 -3.82
N TYR B 308 -15.12 -22.30 -2.71
CA TYR B 308 -16.13 -21.90 -1.75
C TYR B 308 -17.02 -20.79 -2.34
N LEU B 309 -16.44 -19.83 -3.05
CA LEU B 309 -17.22 -18.74 -3.61
C LEU B 309 -18.25 -19.24 -4.64
N ARG B 310 -17.87 -20.25 -5.45
CA ARG B 310 -18.71 -20.75 -6.51
C ARG B 310 -19.87 -21.59 -5.95
N ARG B 311 -19.61 -22.39 -4.91
CA ARG B 311 -20.65 -23.15 -4.25
C ARG B 311 -21.66 -22.20 -3.60
N GLU B 312 -21.17 -21.21 -2.84
CA GLU B 312 -22.03 -20.40 -2.00
C GLU B 312 -22.50 -19.12 -2.70
N PHE B 313 -21.76 -18.62 -3.68
CA PHE B 313 -22.21 -17.43 -4.41
C PHE B 313 -22.30 -17.75 -5.90
N PRO B 314 -23.27 -18.59 -6.32
CA PRO B 314 -23.27 -19.12 -7.69
C PRO B 314 -23.40 -17.96 -8.68
N THR B 315 -22.49 -17.95 -9.67
CA THR B 315 -22.34 -16.85 -10.62
C THR B 315 -23.68 -16.58 -11.32
N PRO B 316 -24.33 -15.38 -11.16
CA PRO B 316 -25.60 -15.10 -11.85
C PRO B 316 -25.43 -15.14 -13.37
CO B12 C . -2.41 8.35 12.14
N21 B12 C . -2.01 9.86 13.09
N22 B12 C . -1.62 7.31 13.49
N23 B12 C . -2.68 6.94 10.92
N24 B12 C . -3.27 9.63 11.00
C1 B12 C . -1.93 11.13 12.39
C20 B12 C . -0.55 11.45 11.86
C2 B12 C . -2.36 12.12 13.47
C25 B12 C . -1.78 13.55 13.29
C26 B12 C . -3.88 12.21 13.59
C27 B12 C . -4.24 13.22 14.68
O28 B12 C . -4.34 12.91 15.84
N29 B12 C . -4.45 14.48 14.32
C3 B12 C . -1.85 11.39 14.72
C30 B12 C . -0.48 11.80 15.22
C31 B12 C . -0.65 12.94 16.20
C32 B12 C . 0.66 13.11 16.90
O34 B12 C . 0.69 12.99 18.10
N33 B12 C . 1.71 13.37 16.15
C4 B12 C . -1.89 9.97 14.33
C5 B12 C . -1.87 8.89 15.31
C35 B12 C . -1.97 9.29 16.77
C6 B12 C . -1.82 7.62 14.88
C7 B12 C . -1.79 6.38 15.78
C36 B12 C . -0.81 6.49 17.00
C37 B12 C . -3.21 6.13 16.29
C38 B12 C . -3.33 4.99 17.29
O39 B12 C . -3.68 5.18 18.46
N40 B12 C . -3.11 3.77 16.81
C8 B12 C . -1.26 5.35 14.75
C41 B12 C . 0.29 5.15 14.78
C42 B12 C . 0.88 4.17 13.71
C43 B12 C . 2.36 4.48 13.45
O44 B12 C . 2.76 5.14 12.51
N45 B12 C . 3.21 4.03 14.34
C9 B12 C . -1.69 5.95 13.45
C10 B12 C . -2.04 5.15 12.30
C11 B12 C . -2.47 5.65 11.16
C12 B12 C . -2.79 4.71 10.03
C46 B12 C . -3.98 3.85 10.30
C47 B12 C . -1.61 3.74 9.89
C13 B12 C . -3.10 5.70 8.93
C48 B12 C . -2.11 5.68 7.77
C49 B12 C . -2.34 4.63 6.68
C50 B12 C . -1.14 4.58 5.70
O51 B12 C . -0.45 5.56 5.42
N52 B12 C . -0.85 3.41 5.14
C14 B12 C . -3.05 7.02 9.69
C15 B12 C . -3.42 8.27 9.01
C53 B12 C . -4.06 8.11 7.62
C16 B12 C . -3.33 9.45 9.61
C17 B12 C . -3.65 10.81 9.01
C54 B12 C . -5.18 10.94 9.18
C55 B12 C . -3.29 11.06 7.55
C56 B12 C . -1.83 10.76 7.21
C57 B12 C . -1.53 11.22 5.84
O58 B12 C . -1.56 10.42 4.91
N59 B12 C . -1.25 12.50 5.66
C18 B12 C . -2.89 11.72 9.94
C60 B12 C . -3.45 13.14 10.04
C61 B12 C . -2.38 14.01 9.41
O63 B12 C . -1.72 13.61 8.46
N62 B12 C . -2.19 15.20 9.98
C19 B12 C . -2.76 10.89 11.16
C1P B12 C . -1.05 12.94 4.28
C2P B12 C . 0.29 13.61 4.05
C3P B12 C . 0.40 13.92 2.55
O3 B12 C . 0.35 14.81 4.82
O4 B12 C . 2.34 14.09 6.05
O5 B12 C . 1.52 16.57 6.21
P B12 C . 1.73 15.29 5.40
O2 B12 C . 2.76 15.43 4.17
C3R B12 C . 3.03 16.65 3.47
C2R B12 C . 4.28 17.27 3.96
O7R B12 C . 4.60 16.85 5.30
C1R B12 C . 5.33 16.90 2.89
O6R B12 C . 4.59 16.85 1.66
C4R B12 C . 3.25 16.45 1.95
C5R B12 C . 2.31 17.26 1.04
O8R B12 C . 2.69 18.64 1.02
N1B B12 C . 6.12 15.62 3.17
C8B B12 C . 7.31 15.34 2.60
C2B B12 C . 5.80 14.58 3.94
N3B B12 C . 6.76 13.64 3.94
C9B B12 C . 7.73 14.03 3.11
C4B B12 C . 8.97 13.48 2.71
C5B B12 C . 9.78 14.17 1.82
C5M B12 C . 11.08 13.55 1.39
C6B B12 C . 9.35 15.49 1.28
C6M B12 C . 10.20 16.23 0.30
C7B B12 C . 8.13 16.03 1.68
N1 5AD D . -6.24 0.74 15.33
C2 5AD D . -6.07 1.17 14.07
N3 5AD D . -6.05 2.42 13.61
C4 5AD D . -6.27 3.30 14.60
N9 5AD D . -6.30 4.66 14.50
C8 5AD D . -6.54 5.15 15.74
N7 5AD D . -6.61 4.20 16.65
C5 5AD D . -6.43 3.02 15.92
C6 5AD D . -6.44 1.67 16.29
N6 5AD D . -6.63 1.27 17.55
C1' 5AD D . -6.22 5.43 13.28
C2' 5AD D . -7.42 6.38 13.17
C3' 5AD D . -6.77 7.76 13.06
C4' 5AD D . -5.33 7.46 12.68
C5' 5AD D . -4.33 8.49 13.13
O4' 5AD D . -5.04 6.19 13.31
O2' 5AD D . -8.24 6.04 12.07
O3' 5AD D . -7.34 8.61 12.07
CO B12 E . 6.76 -10.52 8.91
N21 B12 E . 6.69 -12.19 9.66
N22 B12 E . 6.52 -9.77 10.64
N23 B12 E . 6.59 -8.92 7.97
N24 B12 E . 7.10 -11.55 7.35
C1 B12 E . 6.30 -13.32 8.86
C20 B12 E . 4.78 -13.50 8.84
C2 B12 E . 7.11 -14.50 9.51
C25 B12 E . 6.44 -15.88 9.28
C26 B12 E . 8.59 -14.60 9.15
C27 B12 E . 9.38 -15.77 9.80
O28 B12 E . 9.73 -15.76 10.98
N29 B12 E . 9.72 -16.77 9.00
C3 B12 E . 7.12 -14.02 10.97
C30 B12 E . 5.99 -14.57 11.82
C31 B12 E . 6.52 -15.75 12.62
C32 B12 E . 5.57 -15.98 13.71
O34 B12 E . 6.01 -15.98 14.81
N33 B12 E . 4.28 -16.08 13.47
C4 B12 E . 7.05 -12.53 10.83
C5 B12 E . 7.44 -11.63 11.91
C35 B12 E . 8.08 -12.30 13.09
C6 B12 E . 7.24 -10.29 11.77
C7 B12 E . 7.62 -9.19 12.79
C36 B12 E . 7.29 -9.51 14.26
C37 B12 E . 9.12 -8.93 12.67
C38 B12 E . 9.57 -7.84 13.66
O39 B12 E . 9.38 -6.69 13.50
N40 B12 E . 10.25 -8.22 14.73
C8 B12 E . 6.83 -7.98 12.23
C41 B12 E . 5.45 -7.83 12.83
C42 B12 E . 4.57 -6.75 12.15
C43 B12 E . 3.10 -6.97 12.41
O44 B12 E . 2.35 -7.50 11.58
N45 B12 E . 2.67 -6.62 13.57
C9 B12 E . 6.67 -8.39 10.81
C10 B12 E . 6.64 -7.39 9.78
C11 B12 E . 6.55 -7.67 8.50
C12 B12 E . 6.48 -6.53 7.53
C46 B12 E . 7.76 -5.72 7.49
C47 B12 E . 5.39 -5.53 7.88
C13 B12 E . 6.28 -7.32 6.25
C48 B12 E . 4.89 -7.09 5.62
C49 B12 E . 4.83 -6.20 4.41
C50 B12 E . 3.39 -5.90 4.06
O51 B12 E . 2.60 -6.83 3.84
N52 B12 E . 3.04 -4.61 3.99
C14 B12 E . 6.50 -8.78 6.71
C15 B12 E . 6.58 -9.85 5.75
C53 B12 E . 6.71 -9.41 4.31
C16 B12 E . 6.65 -11.13 6.10
C17 B12 E . 6.55 -12.36 5.23
C54 B12 E . 7.99 -12.60 4.71
C55 B12 E . 5.64 -12.31 3.99
C56 B12 E . 4.16 -12.09 4.23
C57 B12 E . 3.51 -12.42 2.91
O58 B12 E . 3.30 -11.53 2.10
N59 B12 E . 3.29 -13.72 2.72
C18 B12 E . 6.16 -13.45 6.21
C60 B12 E . 6.78 -14.81 5.84
C61 B12 E . 5.66 -15.75 5.62
O63 B12 E . 4.60 -15.41 5.11
N62 B12 E . 5.87 -16.97 6.01
C19 B12 E . 6.59 -12.83 7.49
C1P B12 E . 2.84 -14.28 1.47
C2P B12 E . 1.36 -14.62 1.59
C3P B12 E . 0.66 -14.39 0.23
O3 B12 E . 1.23 -15.98 2.02
O4 B12 E . 0.00 -15.33 4.23
O5 B12 E . 0.56 -17.78 3.44
P B12 E . 0.13 -16.35 3.13
O2 B12 E . -1.28 -16.28 2.34
C3R B12 E . -1.72 -17.50 1.68
C2R B12 E . -2.80 -18.17 2.48
O7R B12 E . -2.58 -17.97 3.87
C1R B12 E . -4.10 -17.60 2.00
O6R B12 E . -3.78 -17.12 0.69
C4R B12 E . -2.41 -17.30 0.36
C5R B12 E . -2.27 -18.53 -0.53
O8R B12 E . -1.64 -18.11 -1.72
N1B B12 E . -4.65 -16.51 2.80
C8B B12 E . -5.93 -16.14 2.77
C2B B12 E . -4.02 -15.69 3.64
N3B B12 E . -4.86 -14.79 4.22
C9B B12 E . -6.08 -15.00 3.70
C4B B12 E . -7.34 -14.40 3.91
C5B B12 E . -8.45 -14.84 3.21
C5M B12 E . -9.80 -14.18 3.41
C6B B12 E . -8.28 -16.00 2.28
C6M B12 E . -9.46 -16.51 1.49
C7B B12 E . -7.03 -16.60 2.09
N1 5AD F . 11.65 -3.17 11.44
C2 5AD F . 11.07 -3.44 10.27
N3 5AD F . 10.88 -4.62 9.67
C4 5AD F . 11.35 -5.62 10.42
N9 5AD F . 11.33 -6.96 10.14
C8 5AD F . 11.96 -7.58 11.19
N7 5AD F . 12.36 -6.74 12.11
C5 5AD F . 11.98 -5.50 11.64
C6 5AD F . 12.14 -4.20 12.16
N6 5AD F . 12.69 -3.94 13.34
C1' 5AD F . 10.82 -7.57 8.94
C2' 5AD F . 11.85 -8.48 8.24
C3' 5AD F . 11.15 -9.83 8.17
C4' 5AD F . 9.69 -9.47 8.38
C5' 5AD F . 8.88 -10.57 8.99
O4' 5AD F . 9.72 -8.36 9.30
O2' 5AD F . 12.18 -8.05 6.94
O3' 5AD F . 11.34 -10.53 6.94
#